data_1TM2
#
_entry.id   1TM2
#
_cell.length_a   37.984
_cell.length_b   73.979
_cell.length_c   116.244
_cell.angle_alpha   90.00
_cell.angle_beta   90.00
_cell.angle_gamma   90.00
#
_symmetry.space_group_name_H-M   'P 21 21 21'
#
loop_
_entity.id
_entity.type
_entity.pdbx_description
1 polymer 'sugar transport protein'
2 water water
#
_entity_poly.entity_id   1
_entity_poly.type   'polypeptide(L)'
_entity_poly.pdbx_seq_one_letter_code
;GSAERIAFIPKLVGVGFFTSGGNGAQEAGKALGIDVTYDGPTEPSVSGQVQLVNNFVNQGYDAIIVSAVSPDGLCPALKR
AMQRGVKILTWDSDTKPECRSYYINQGTPKQLGSMLVEMAAHQVDKEKAKVAFFYSSPTVTDQNQWVKEAKAKISQEHPG
WEIVTTQFGYNDATKSLQTAEGIIKAYPDLDAIIAPDANALPAAAQAAENLKRNNLAIVGFSTPNVMRPYVQRGTVKEFG
LWDVVQQGKISVYVANALLKNMPMNVGDSLDIPGIGKVTVSPNSEQGYHYEAKGNGIVLLPERVIFNKDNIDKYDF
;
_entity_poly.pdbx_strand_id   A
#
# COMPACT_ATOMS: atom_id res chain seq x y z
N ALA A 3 -14.39 25.26 -11.01
CA ALA A 3 -13.42 25.71 -12.06
C ALA A 3 -12.56 24.53 -12.53
N GLU A 4 -11.74 24.00 -11.64
CA GLU A 4 -10.88 22.88 -11.95
C GLU A 4 -11.47 21.59 -11.38
N ARG A 5 -11.22 20.48 -12.07
CA ARG A 5 -11.73 19.18 -11.64
C ARG A 5 -10.64 18.12 -11.55
N ILE A 6 -10.74 17.27 -10.54
CA ILE A 6 -9.80 16.19 -10.30
C ILE A 6 -10.54 14.88 -10.14
N ALA A 7 -9.99 13.81 -10.71
CA ALA A 7 -10.58 12.48 -10.58
C ALA A 7 -9.67 11.65 -9.69
N PHE A 8 -10.27 10.92 -8.74
CA PHE A 8 -9.52 10.05 -7.85
C PHE A 8 -10.07 8.66 -8.09
N ILE A 9 -9.26 7.80 -8.69
CA ILE A 9 -9.68 6.46 -9.05
C ILE A 9 -9.01 5.33 -8.26
N PRO A 10 -9.81 4.46 -7.61
CA PRO A 10 -9.27 3.35 -6.84
C PRO A 10 -9.22 2.09 -7.72
N LYS A 11 -8.62 1.02 -7.22
CA LYS A 11 -8.56 -0.22 -7.98
C LYS A 11 -9.98 -0.73 -8.15
N LEU A 12 -10.82 -0.41 -7.17
CA LEU A 12 -12.24 -0.78 -7.19
C LEU A 12 -12.95 -0.05 -6.05
N VAL A 13 -14.26 0.14 -6.19
CA VAL A 13 -15.05 0.80 -5.15
C VAL A 13 -15.64 -0.27 -4.24
N GLY A 14 -16.28 0.15 -3.16
CA GLY A 14 -16.90 -0.79 -2.24
C GLY A 14 -15.98 -1.46 -1.25
N VAL A 15 -14.73 -0.98 -1.19
CA VAL A 15 -13.74 -1.53 -0.27
C VAL A 15 -13.25 -0.38 0.59
N GLY A 16 -13.31 -0.56 1.91
CA GLY A 16 -12.89 0.45 2.86
C GLY A 16 -11.66 1.28 2.53
N PHE A 17 -10.54 0.61 2.28
CA PHE A 17 -9.29 1.27 1.97
C PHE A 17 -9.46 2.34 0.88
N PHE A 18 -10.13 1.97 -0.20
CA PHE A 18 -10.34 2.88 -1.31
C PHE A 18 -11.39 3.94 -1.03
N THR A 19 -12.43 3.56 -0.29
CA THR A 19 -13.47 4.52 0.06
C THR A 19 -12.84 5.63 0.91
N SER A 20 -12.00 5.23 1.86
CA SER A 20 -11.34 6.19 2.74
C SER A 20 -10.31 7.03 2.02
N GLY A 21 -9.59 6.43 1.08
CA GLY A 21 -8.63 7.19 0.32
C GLY A 21 -9.41 8.26 -0.43
N GLY A 22 -10.55 7.85 -0.98
CA GLY A 22 -11.40 8.78 -1.72
C GLY A 22 -11.90 9.90 -0.82
N ASN A 23 -12.22 9.57 0.43
CA ASN A 23 -12.69 10.56 1.39
C ASN A 23 -11.61 11.61 1.64
N GLY A 24 -10.38 11.16 1.83
CA GLY A 24 -9.28 12.08 2.07
C GLY A 24 -9.07 13.00 0.89
N ALA A 25 -9.21 12.44 -0.31
CA ALA A 25 -9.04 13.21 -1.54
C ALA A 25 -10.15 14.26 -1.69
N GLN A 26 -11.40 13.83 -1.53
CA GLN A 26 -12.53 14.74 -1.67
C GLN A 26 -12.52 15.89 -0.67
N GLU A 27 -12.16 15.61 0.58
CA GLU A 27 -12.11 16.66 1.59
C GLU A 27 -10.98 17.64 1.28
N ALA A 28 -9.88 17.12 0.73
CA ALA A 28 -8.75 17.96 0.39
C ALA A 28 -9.15 18.88 -0.75
N GLY A 29 -10.01 18.38 -1.63
CA GLY A 29 -10.47 19.18 -2.75
C GLY A 29 -11.37 20.32 -2.27
N LYS A 30 -12.24 20.02 -1.33
CA LYS A 30 -13.15 21.02 -0.79
C LYS A 30 -12.36 22.12 -0.10
N ALA A 31 -11.30 21.74 0.60
CA ALA A 31 -10.45 22.70 1.31
C ALA A 31 -9.62 23.53 0.34
N LEU A 32 -9.42 23.02 -0.87
CA LEU A 32 -8.64 23.74 -1.87
C LEU A 32 -9.52 24.37 -2.95
N GLY A 33 -10.83 24.13 -2.86
CA GLY A 33 -11.73 24.70 -3.84
C GLY A 33 -11.64 23.99 -5.18
N ILE A 34 -11.39 22.69 -5.14
CA ILE A 34 -11.30 21.89 -6.35
C ILE A 34 -12.24 20.70 -6.20
N ASP A 35 -13.20 20.59 -7.11
CA ASP A 35 -14.16 19.48 -7.05
C ASP A 35 -13.47 18.16 -7.41
N VAL A 36 -13.55 17.20 -6.49
CA VAL A 36 -12.93 15.89 -6.71
C VAL A 36 -13.99 14.83 -6.94
N THR A 37 -13.87 14.11 -8.05
CA THR A 37 -14.81 13.05 -8.37
C THR A 37 -14.16 11.72 -8.04
N TYR A 38 -14.85 10.90 -7.24
CA TYR A 38 -14.35 9.59 -6.86
C TYR A 38 -15.13 8.53 -7.62
N ASP A 39 -14.42 7.73 -8.40
CA ASP A 39 -15.07 6.68 -9.15
C ASP A 39 -14.06 5.62 -9.56
N GLY A 40 -14.50 4.37 -9.53
CA GLY A 40 -13.63 3.27 -9.89
C GLY A 40 -14.49 2.13 -10.39
N PRO A 41 -13.89 1.07 -10.94
CA PRO A 41 -14.66 -0.08 -11.45
C PRO A 41 -15.17 -0.92 -10.28
N THR A 42 -16.13 -1.79 -10.55
CA THR A 42 -16.70 -2.64 -9.51
C THR A 42 -15.76 -3.80 -9.20
N GLU A 43 -14.81 -4.03 -10.09
CA GLU A 43 -13.82 -5.09 -9.98
C GLU A 43 -12.46 -4.53 -10.36
N PRO A 44 -11.39 -5.01 -9.75
CA PRO A 44 -10.09 -4.47 -10.14
C PRO A 44 -9.66 -4.99 -11.50
N SER A 45 -9.66 -4.13 -12.52
CA SER A 45 -9.24 -4.56 -13.85
C SER A 45 -8.73 -3.38 -14.65
N VAL A 46 -7.85 -3.67 -15.59
CA VAL A 46 -7.29 -2.63 -16.44
C VAL A 46 -8.38 -1.93 -17.24
N SER A 47 -9.21 -2.70 -17.94
CA SER A 47 -10.28 -2.09 -18.74
C SER A 47 -11.22 -1.25 -17.89
N GLY A 48 -11.52 -1.74 -16.68
CA GLY A 48 -12.42 -1.02 -15.81
C GLY A 48 -11.89 0.35 -15.44
N GLN A 49 -10.57 0.45 -15.28
CA GLN A 49 -9.96 1.73 -14.94
C GLN A 49 -9.72 2.58 -16.18
N VAL A 50 -9.29 1.95 -17.27
CA VAL A 50 -9.01 2.68 -18.50
C VAL A 50 -10.20 3.45 -19.06
N GLN A 51 -11.37 2.84 -19.07
CA GLN A 51 -12.53 3.55 -19.60
C GLN A 51 -12.83 4.79 -18.77
N LEU A 52 -12.65 4.69 -17.46
CA LEU A 52 -12.89 5.83 -16.57
C LEU A 52 -11.89 6.94 -16.85
N VAL A 53 -10.62 6.57 -17.01
CA VAL A 53 -9.58 7.54 -17.31
C VAL A 53 -9.90 8.25 -18.63
N ASN A 54 -10.22 7.48 -19.65
CA ASN A 54 -10.55 8.05 -20.96
C ASN A 54 -11.74 9.00 -20.85
N ASN A 55 -12.77 8.60 -20.10
CA ASN A 55 -13.95 9.44 -19.93
C ASN A 55 -13.64 10.76 -19.21
N PHE A 56 -12.86 10.69 -18.13
CA PHE A 56 -12.50 11.90 -17.40
C PHE A 56 -11.70 12.83 -18.30
N VAL A 57 -10.81 12.27 -19.11
CA VAL A 57 -10.02 13.08 -20.03
C VAL A 57 -10.93 13.76 -21.05
N ASN A 58 -11.85 12.99 -21.60
CA ASN A 58 -12.79 13.50 -22.60
C ASN A 58 -13.69 14.60 -22.05
N GLN A 59 -14.03 14.52 -20.78
CA GLN A 59 -14.90 15.52 -20.16
C GLN A 59 -14.13 16.77 -19.78
N GLY A 60 -12.81 16.74 -19.96
CA GLY A 60 -12.00 17.89 -19.66
C GLY A 60 -11.51 18.02 -18.22
N TYR A 61 -11.32 16.90 -17.53
CA TYR A 61 -10.81 16.98 -16.15
C TYR A 61 -9.37 17.49 -16.18
N ASP A 62 -8.99 18.23 -15.16
CA ASP A 62 -7.66 18.82 -15.08
C ASP A 62 -6.57 17.90 -14.55
N ALA A 63 -6.96 16.94 -13.72
CA ALA A 63 -6.01 16.00 -13.15
C ALA A 63 -6.69 14.68 -12.82
N ILE A 64 -5.94 13.59 -12.89
CA ILE A 64 -6.46 12.26 -12.57
C ILE A 64 -5.44 11.60 -11.65
N ILE A 65 -5.92 11.07 -10.52
CA ILE A 65 -5.08 10.39 -9.54
C ILE A 65 -5.57 8.96 -9.49
N VAL A 66 -4.69 8.00 -9.76
CA VAL A 66 -5.13 6.61 -9.81
C VAL A 66 -4.21 5.57 -9.17
N SER A 67 -4.83 4.52 -8.63
CA SER A 67 -4.06 3.41 -8.06
C SER A 67 -4.11 2.37 -9.17
N ALA A 68 -3.00 2.21 -9.88
CA ALA A 68 -2.92 1.30 -11.01
C ALA A 68 -3.05 -0.19 -10.71
N VAL A 69 -4.02 -0.84 -11.35
CA VAL A 69 -4.22 -2.27 -11.19
C VAL A 69 -3.07 -3.00 -11.86
N SER A 70 -2.50 -2.37 -12.89
CA SER A 70 -1.38 -2.92 -13.63
C SER A 70 -0.32 -1.84 -13.85
N PRO A 71 0.96 -2.20 -13.81
CA PRO A 71 2.02 -1.21 -14.02
C PRO A 71 2.06 -0.67 -15.45
N ASP A 72 1.67 -1.49 -16.42
CA ASP A 72 1.71 -1.07 -17.81
C ASP A 72 0.36 -0.86 -18.48
N GLY A 73 -0.64 -1.61 -18.02
CA GLY A 73 -1.97 -1.55 -18.60
C GLY A 73 -2.61 -0.19 -18.83
N LEU A 74 -2.37 0.77 -17.94
CA LEU A 74 -2.97 2.10 -18.07
C LEU A 74 -2.10 3.10 -18.81
N CYS A 75 -0.87 2.72 -19.11
CA CYS A 75 0.02 3.66 -19.79
C CYS A 75 -0.50 4.32 -21.07
N PRO A 76 -1.08 3.54 -21.99
CA PRO A 76 -1.56 4.21 -23.20
C PRO A 76 -2.58 5.32 -22.89
N ALA A 77 -3.53 5.03 -22.01
CA ALA A 77 -4.55 6.01 -21.66
C ALA A 77 -3.95 7.18 -20.87
N LEU A 78 -3.03 6.89 -19.96
CA LEU A 78 -2.41 7.95 -19.17
C LEU A 78 -1.48 8.86 -19.98
N LYS A 79 -0.77 8.30 -20.95
CA LYS A 79 0.10 9.12 -21.78
C LYS A 79 -0.75 10.03 -22.65
N ARG A 80 -1.84 9.47 -23.16
CA ARG A 80 -2.75 10.26 -23.99
C ARG A 80 -3.26 11.42 -23.14
N ALA A 81 -3.59 11.15 -21.89
CA ALA A 81 -4.08 12.18 -20.98
C ALA A 81 -3.04 13.29 -20.82
N MET A 82 -1.80 12.91 -20.50
CA MET A 82 -0.73 13.89 -20.33
C MET A 82 -0.48 14.66 -21.62
N GLN A 83 -0.57 13.97 -22.76
CA GLN A 83 -0.35 14.61 -24.05
C GLN A 83 -1.42 15.67 -24.29
N ARG A 84 -2.60 15.47 -23.71
CA ARG A 84 -3.69 16.42 -23.88
C ARG A 84 -3.68 17.53 -22.83
N GLY A 85 -2.71 17.46 -21.91
CA GLY A 85 -2.58 18.48 -20.89
C GLY A 85 -3.04 18.13 -19.49
N VAL A 86 -3.56 16.91 -19.31
CA VAL A 86 -4.05 16.49 -17.99
C VAL A 86 -2.88 16.07 -17.09
N LYS A 87 -2.94 16.47 -15.82
CA LYS A 87 -1.89 16.12 -14.86
C LYS A 87 -2.21 14.72 -14.35
N ILE A 88 -1.23 13.82 -14.38
CA ILE A 88 -1.45 12.45 -13.92
C ILE A 88 -0.58 12.08 -12.73
N LEU A 89 -1.21 11.51 -11.71
CA LEU A 89 -0.51 11.05 -10.52
C LEU A 89 -1.03 9.68 -10.16
N THR A 90 -0.23 8.92 -9.43
CA THR A 90 -0.63 7.59 -8.99
C THR A 90 -0.53 7.57 -7.46
N TRP A 91 -1.25 6.64 -6.84
CA TRP A 91 -1.22 6.51 -5.39
C TRP A 91 -1.42 5.03 -5.09
N ASP A 92 -0.90 4.56 -3.96
CA ASP A 92 -1.03 3.15 -3.58
C ASP A 92 -0.20 2.27 -4.53
N SER A 93 -0.73 2.01 -5.73
CA SER A 93 -0.01 1.21 -6.73
C SER A 93 0.41 2.12 -7.86
N ASP A 94 1.70 2.09 -8.17
CA ASP A 94 2.29 2.92 -9.21
C ASP A 94 2.26 2.27 -10.59
N THR A 95 2.42 3.10 -11.62
CA THR A 95 2.49 2.64 -12.99
C THR A 95 3.98 2.78 -13.33
N LYS A 96 4.35 2.50 -14.58
CA LYS A 96 5.74 2.68 -14.97
C LYS A 96 5.93 4.19 -14.74
N PRO A 97 7.13 4.60 -14.28
CA PRO A 97 7.37 6.03 -14.03
C PRO A 97 7.06 6.99 -15.17
N GLU A 98 7.19 6.54 -16.41
CA GLU A 98 6.93 7.39 -17.57
C GLU A 98 5.44 7.64 -17.81
N CYS A 99 4.58 6.93 -17.10
CA CYS A 99 3.15 7.09 -17.33
C CYS A 99 2.44 7.99 -16.33
N ARG A 100 3.21 8.69 -15.50
CA ARG A 100 2.65 9.61 -14.53
C ARG A 100 3.72 10.61 -14.11
N SER A 101 3.31 11.62 -13.35
CA SER A 101 4.27 12.62 -12.87
C SER A 101 4.78 12.25 -11.49
N TYR A 102 3.86 12.07 -10.55
CA TYR A 102 4.25 11.70 -9.19
C TYR A 102 3.46 10.51 -8.67
N TYR A 103 4.15 9.70 -7.88
CA TYR A 103 3.58 8.53 -7.24
C TYR A 103 3.53 8.83 -5.75
N ILE A 104 2.31 8.97 -5.20
CA ILE A 104 2.13 9.23 -3.77
C ILE A 104 2.27 7.85 -3.13
N ASN A 105 3.49 7.57 -2.67
CA ASN A 105 3.87 6.28 -2.10
C ASN A 105 3.85 6.11 -0.58
N GLN A 106 3.18 5.05 -0.13
CA GLN A 106 3.09 4.74 1.29
C GLN A 106 4.47 4.48 1.91
N GLY A 107 5.39 3.96 1.11
CA GLY A 107 6.72 3.68 1.61
C GLY A 107 7.60 2.89 0.66
N THR A 108 8.91 3.07 0.77
CA THR A 108 9.86 2.36 -0.08
C THR A 108 9.94 0.91 0.38
N PRO A 109 10.52 0.03 -0.45
CA PRO A 109 10.64 -1.39 -0.07
C PRO A 109 11.43 -1.57 1.22
N LYS A 110 12.47 -0.76 1.42
CA LYS A 110 13.28 -0.89 2.63
C LYS A 110 12.46 -0.45 3.83
N GLN A 111 11.66 0.60 3.66
CA GLN A 111 10.82 1.09 4.74
C GLN A 111 9.79 0.04 5.15
N LEU A 112 9.10 -0.52 4.17
CA LEU A 112 8.07 -1.52 4.44
C LEU A 112 8.71 -2.83 4.93
N GLY A 113 9.83 -3.20 4.32
CA GLY A 113 10.51 -4.40 4.74
C GLY A 113 10.95 -4.26 6.19
N SER A 114 11.38 -3.06 6.57
CA SER A 114 11.80 -2.83 7.95
C SER A 114 10.63 -2.98 8.92
N MET A 115 9.46 -2.45 8.55
CA MET A 115 8.29 -2.55 9.41
C MET A 115 7.98 -4.00 9.74
N LEU A 116 8.02 -4.86 8.72
CA LEU A 116 7.74 -6.27 8.89
C LEU A 116 8.66 -6.92 9.91
N VAL A 117 9.96 -6.65 9.79
CA VAL A 117 10.95 -7.23 10.69
C VAL A 117 10.86 -6.64 12.09
N GLU A 118 10.61 -5.33 12.18
CA GLU A 118 10.49 -4.68 13.48
C GLU A 118 9.28 -5.20 14.25
N MET A 119 8.20 -5.48 13.54
CA MET A 119 7.01 -6.02 14.20
C MET A 119 7.31 -7.44 14.70
N ALA A 120 7.95 -8.24 13.86
CA ALA A 120 8.28 -9.60 14.23
C ALA A 120 9.23 -9.64 15.44
N ALA A 121 10.26 -8.80 15.41
CA ALA A 121 11.25 -8.73 16.50
C ALA A 121 10.63 -8.32 17.83
N HIS A 122 9.61 -7.47 17.76
CA HIS A 122 8.90 -7.01 18.96
C HIS A 122 8.25 -8.21 19.66
N GLN A 123 7.76 -9.16 18.87
CA GLN A 123 7.08 -10.35 19.36
C GLN A 123 7.97 -11.54 19.67
N VAL A 124 8.89 -11.85 18.76
CA VAL A 124 9.80 -12.98 18.93
C VAL A 124 10.65 -12.85 20.18
N ASP A 125 10.73 -13.92 20.96
CA ASP A 125 11.50 -13.88 22.19
C ASP A 125 12.63 -14.91 22.25
N LYS A 126 12.97 -15.48 21.10
CA LYS A 126 14.05 -16.47 21.02
C LYS A 126 15.12 -16.00 20.06
N GLU A 127 16.38 -16.30 20.40
CA GLU A 127 17.50 -15.91 19.54
C GLU A 127 17.49 -16.69 18.23
N LYS A 128 17.17 -17.98 18.31
CA LYS A 128 17.13 -18.83 17.12
C LYS A 128 15.69 -19.09 16.71
N ALA A 129 14.97 -18.00 16.46
CA ALA A 129 13.57 -18.08 16.05
C ALA A 129 13.34 -18.69 14.67
N LYS A 130 12.22 -19.40 14.55
CA LYS A 130 11.84 -20.03 13.28
C LYS A 130 10.71 -19.18 12.72
N VAL A 131 10.90 -18.67 11.50
CA VAL A 131 9.94 -17.79 10.89
C VAL A 131 9.46 -18.28 9.53
N ALA A 132 8.20 -17.95 9.21
CA ALA A 132 7.63 -18.31 7.93
C ALA A 132 7.12 -17.06 7.24
N PHE A 133 7.35 -16.97 5.94
CA PHE A 133 6.87 -15.83 5.16
C PHE A 133 5.64 -16.36 4.43
N PHE A 134 4.61 -15.53 4.36
CA PHE A 134 3.35 -15.93 3.73
C PHE A 134 2.70 -14.73 3.05
N TYR A 135 2.63 -14.76 1.72
CA TYR A 135 2.03 -13.66 0.99
C TYR A 135 1.38 -14.08 -0.32
N SER A 136 1.04 -13.10 -1.15
CA SER A 136 0.36 -13.36 -2.41
C SER A 136 1.02 -14.36 -3.37
N SER A 137 2.10 -13.96 -4.02
CA SER A 137 2.76 -14.87 -4.95
C SER A 137 4.23 -14.52 -5.18
N PRO A 138 5.00 -15.45 -5.76
CA PRO A 138 6.41 -15.20 -6.01
C PRO A 138 6.64 -14.28 -7.21
N THR A 139 5.55 -13.87 -7.86
CA THR A 139 5.66 -12.99 -9.02
C THR A 139 5.19 -11.57 -8.79
N VAL A 140 4.29 -11.37 -7.83
CA VAL A 140 3.80 -10.03 -7.54
C VAL A 140 4.99 -9.13 -7.21
N THR A 141 5.15 -8.07 -7.98
CA THR A 141 6.27 -7.15 -7.83
C THR A 141 6.45 -6.44 -6.49
N ASP A 142 5.48 -5.63 -6.07
CA ASP A 142 5.63 -4.91 -4.81
C ASP A 142 5.88 -5.77 -3.58
N GLN A 143 5.04 -6.78 -3.36
CA GLN A 143 5.22 -7.63 -2.19
C GLN A 143 6.57 -8.33 -2.18
N ASN A 144 7.04 -8.76 -3.33
CA ASN A 144 8.33 -9.44 -3.41
C ASN A 144 9.50 -8.50 -3.12
N GLN A 145 9.31 -7.22 -3.40
CA GLN A 145 10.35 -6.23 -3.11
C GLN A 145 10.42 -6.07 -1.60
N TRP A 146 9.26 -6.04 -0.94
CA TRP A 146 9.24 -5.88 0.51
C TRP A 146 9.85 -7.10 1.18
N VAL A 147 9.50 -8.28 0.68
CA VAL A 147 10.00 -9.54 1.23
C VAL A 147 11.50 -9.68 1.02
N LYS A 148 11.99 -9.25 -0.14
CA LYS A 148 13.43 -9.33 -0.40
C LYS A 148 14.15 -8.46 0.62
N GLU A 149 13.61 -7.27 0.86
CA GLU A 149 14.19 -6.35 1.83
C GLU A 149 14.06 -6.89 3.26
N ALA A 150 12.93 -7.50 3.57
CA ALA A 150 12.71 -8.05 4.92
C ALA A 150 13.67 -9.20 5.20
N LYS A 151 13.80 -10.11 4.23
CA LYS A 151 14.70 -11.24 4.40
C LYS A 151 16.16 -10.81 4.52
N ALA A 152 16.52 -9.74 3.83
CA ALA A 152 17.88 -9.22 3.88
C ALA A 152 18.14 -8.66 5.28
N LYS A 153 17.20 -7.86 5.76
CA LYS A 153 17.30 -7.26 7.09
C LYS A 153 17.41 -8.34 8.16
N ILE A 154 16.66 -9.43 7.98
CA ILE A 154 16.71 -10.53 8.94
C ILE A 154 18.08 -11.22 8.92
N SER A 155 18.61 -11.51 7.74
CA SER A 155 19.91 -12.16 7.66
C SER A 155 21.03 -11.26 8.20
N GLN A 156 20.88 -9.96 8.00
CA GLN A 156 21.90 -9.01 8.46
C GLN A 156 21.81 -8.70 9.96
N GLU A 157 20.59 -8.44 10.44
CA GLU A 157 20.37 -8.06 11.84
C GLU A 157 19.85 -9.10 12.81
N HIS A 158 19.33 -10.22 12.31
CA HIS A 158 18.83 -11.29 13.17
C HIS A 158 19.34 -12.61 12.62
N PRO A 159 20.67 -12.74 12.50
CA PRO A 159 21.32 -13.95 11.99
C PRO A 159 20.94 -15.27 12.65
N GLY A 160 20.40 -15.21 13.87
CA GLY A 160 20.01 -16.44 14.53
C GLY A 160 18.71 -17.02 14.00
N TRP A 161 17.89 -16.16 13.43
CA TRP A 161 16.60 -16.60 12.86
C TRP A 161 16.76 -17.48 11.64
N GLU A 162 15.77 -18.33 11.41
CA GLU A 162 15.77 -19.18 10.23
C GLU A 162 14.40 -19.09 9.58
N ILE A 163 14.37 -18.83 8.28
CA ILE A 163 13.11 -18.77 7.54
C ILE A 163 12.89 -20.22 7.13
N VAL A 164 11.94 -20.89 7.79
CA VAL A 164 11.68 -22.29 7.51
C VAL A 164 10.82 -22.55 6.28
N THR A 165 10.04 -21.56 5.86
CA THR A 165 9.20 -21.74 4.69
C THR A 165 8.66 -20.40 4.18
N THR A 166 8.39 -20.37 2.88
CA THR A 166 7.84 -19.20 2.20
C THR A 166 6.73 -19.76 1.33
N GLN A 167 5.48 -19.44 1.66
CA GLN A 167 4.33 -19.95 0.91
C GLN A 167 3.38 -18.84 0.47
N PHE A 168 2.46 -19.16 -0.44
CA PHE A 168 1.55 -18.15 -0.98
C PHE A 168 0.06 -18.44 -0.94
N GLY A 169 -0.73 -17.37 -0.85
CA GLY A 169 -2.18 -17.49 -0.79
C GLY A 169 -2.89 -16.99 -2.04
N TYR A 170 -2.12 -16.42 -2.97
CA TYR A 170 -2.64 -15.93 -4.24
C TYR A 170 -3.87 -15.03 -4.18
N ASN A 171 -3.85 -14.05 -3.28
CA ASN A 171 -4.96 -13.11 -3.14
C ASN A 171 -6.33 -13.79 -3.03
N ASP A 172 -6.34 -15.05 -2.61
CA ASP A 172 -7.59 -15.80 -2.49
C ASP A 172 -7.84 -16.20 -1.03
N ALA A 173 -8.97 -15.77 -0.49
CA ALA A 173 -9.34 -16.07 0.88
C ALA A 173 -9.34 -17.56 1.20
N THR A 174 -9.95 -18.37 0.34
CA THR A 174 -10.01 -19.81 0.58
C THR A 174 -8.62 -20.44 0.49
N LYS A 175 -7.86 -20.09 -0.54
CA LYS A 175 -6.52 -20.64 -0.70
C LYS A 175 -5.63 -20.21 0.45
N SER A 176 -5.74 -18.95 0.84
CA SER A 176 -4.92 -18.42 1.93
C SER A 176 -5.18 -19.16 3.22
N LEU A 177 -6.44 -19.38 3.58
CA LEU A 177 -6.76 -20.08 4.81
C LEU A 177 -6.16 -21.49 4.80
N GLN A 178 -6.31 -22.18 3.68
CA GLN A 178 -5.80 -23.54 3.53
C GLN A 178 -4.28 -23.57 3.69
N THR A 179 -3.58 -22.64 3.05
CA THR A 179 -2.13 -22.60 3.15
C THR A 179 -1.71 -22.28 4.58
N ALA A 180 -2.38 -21.31 5.19
CA ALA A 180 -2.06 -20.91 6.56
C ALA A 180 -2.18 -22.09 7.53
N GLU A 181 -3.29 -22.82 7.47
CA GLU A 181 -3.48 -23.97 8.36
C GLU A 181 -2.39 -24.99 8.11
N GLY A 182 -2.03 -25.19 6.84
CA GLY A 182 -0.96 -26.13 6.52
C GLY A 182 0.35 -25.74 7.18
N ILE A 183 0.66 -24.45 7.17
CA ILE A 183 1.89 -23.96 7.78
C ILE A 183 1.89 -24.21 9.27
N ILE A 184 0.79 -23.83 9.92
CA ILE A 184 0.65 -23.98 11.36
C ILE A 184 0.68 -25.45 11.81
N LYS A 185 0.13 -26.34 11.00
CA LYS A 185 0.13 -27.76 11.37
C LYS A 185 1.49 -28.40 11.17
N ALA A 186 2.22 -27.97 10.14
CA ALA A 186 3.53 -28.52 9.83
C ALA A 186 4.66 -28.00 10.72
N TYR A 187 4.54 -26.76 11.20
CA TYR A 187 5.59 -26.20 12.06
C TYR A 187 5.04 -25.82 13.42
N PRO A 188 4.86 -26.83 14.30
CA PRO A 188 4.34 -26.61 15.66
C PRO A 188 5.22 -25.75 16.55
N ASP A 189 6.51 -25.65 16.23
CA ASP A 189 7.41 -24.84 17.05
C ASP A 189 7.73 -23.51 16.37
N LEU A 190 6.95 -23.15 15.36
CA LEU A 190 7.14 -21.89 14.64
C LEU A 190 7.03 -20.73 15.62
N ASP A 191 7.87 -19.71 15.43
CA ASP A 191 7.84 -18.54 16.30
C ASP A 191 7.04 -17.40 15.72
N ALA A 192 7.10 -17.23 14.41
CA ALA A 192 6.36 -16.15 13.78
C ALA A 192 5.99 -16.37 12.32
N ILE A 193 4.94 -15.68 11.91
CA ILE A 193 4.48 -15.70 10.53
C ILE A 193 4.51 -14.23 10.14
N ILE A 194 5.21 -13.92 9.04
CA ILE A 194 5.29 -12.55 8.55
C ILE A 194 4.49 -12.58 7.26
N ALA A 195 3.36 -11.89 7.25
CA ALA A 195 2.47 -11.90 6.10
C ALA A 195 2.13 -10.55 5.51
N PRO A 196 2.98 -10.06 4.58
CA PRO A 196 2.78 -8.76 3.93
C PRO A 196 1.72 -8.78 2.81
N ASP A 197 0.56 -9.36 3.10
CA ASP A 197 -0.55 -9.45 2.15
C ASP A 197 -1.87 -9.32 2.88
N ALA A 198 -2.76 -8.47 2.37
CA ALA A 198 -4.07 -8.22 3.00
C ALA A 198 -4.92 -9.46 3.25
N ASN A 199 -4.75 -10.48 2.42
CA ASN A 199 -5.49 -11.73 2.58
C ASN A 199 -4.71 -12.71 3.43
N ALA A 200 -3.41 -12.77 3.22
CA ALA A 200 -2.56 -13.69 3.97
C ALA A 200 -2.57 -13.43 5.48
N LEU A 201 -2.52 -12.17 5.89
CA LEU A 201 -2.50 -11.86 7.32
C LEU A 201 -3.73 -12.36 8.08
N PRO A 202 -4.95 -12.00 7.63
CA PRO A 202 -6.16 -12.45 8.31
C PRO A 202 -6.28 -13.98 8.26
N ALA A 203 -5.81 -14.56 7.15
CA ALA A 203 -5.85 -16.00 6.96
C ALA A 203 -5.01 -16.70 8.02
N ALA A 204 -3.82 -16.16 8.27
CA ALA A 204 -2.92 -16.73 9.27
C ALA A 204 -3.53 -16.67 10.67
N ALA A 205 -4.13 -15.53 11.00
CA ALA A 205 -4.75 -15.37 12.31
C ALA A 205 -5.95 -16.31 12.45
N GLN A 206 -6.75 -16.40 11.40
CA GLN A 206 -7.93 -17.28 11.43
C GLN A 206 -7.48 -18.74 11.58
N ALA A 207 -6.42 -19.10 10.86
CA ALA A 207 -5.88 -20.46 10.90
C ALA A 207 -5.41 -20.80 12.31
N ALA A 208 -4.73 -19.86 12.96
CA ALA A 208 -4.25 -20.08 14.32
C ALA A 208 -5.43 -20.34 15.26
N GLU A 209 -6.48 -19.53 15.13
CA GLU A 209 -7.66 -19.67 15.96
C GLU A 209 -8.41 -20.97 15.63
N ASN A 210 -8.46 -21.32 14.35
CA ASN A 210 -9.13 -22.54 13.92
C ASN A 210 -8.49 -23.76 14.55
N LEU A 211 -7.15 -23.76 14.56
CA LEU A 211 -6.37 -24.86 15.10
C LEU A 211 -6.07 -24.73 16.59
N LYS A 212 -6.58 -23.67 17.21
CA LYS A 212 -6.37 -23.43 18.64
C LYS A 212 -4.88 -23.30 18.96
N ARG A 213 -4.13 -22.69 18.04
CA ARG A 213 -2.70 -22.48 18.23
C ARG A 213 -2.50 -21.19 19.01
N ASN A 214 -1.76 -21.27 20.10
CA ASN A 214 -1.52 -20.11 20.94
C ASN A 214 -0.09 -19.59 20.83
N ASN A 215 0.08 -18.34 21.25
CA ASN A 215 1.37 -17.66 21.31
C ASN A 215 2.22 -17.54 20.04
N LEU A 216 1.62 -17.73 18.88
CA LEU A 216 2.36 -17.59 17.64
C LEU A 216 2.39 -16.11 17.26
N ALA A 217 3.57 -15.58 16.94
CA ALA A 217 3.68 -14.19 16.54
C ALA A 217 3.18 -14.09 15.10
N ILE A 218 2.12 -13.31 14.89
CA ILE A 218 1.55 -13.14 13.56
C ILE A 218 1.48 -11.67 13.19
N VAL A 219 2.38 -11.27 12.29
CA VAL A 219 2.46 -9.89 11.86
C VAL A 219 2.41 -9.77 10.34
N GLY A 220 2.20 -8.55 9.84
CA GLY A 220 2.12 -8.36 8.41
C GLY A 220 1.38 -7.09 8.01
N PHE A 221 0.84 -7.09 6.80
CA PHE A 221 0.10 -5.93 6.29
C PHE A 221 -1.35 -6.27 5.95
N SER A 222 -2.27 -5.46 6.49
CA SER A 222 -3.70 -5.62 6.21
C SER A 222 -4.42 -4.38 6.73
N THR A 223 -5.75 -4.37 6.64
CA THR A 223 -6.55 -3.23 7.06
C THR A 223 -7.19 -3.40 8.43
N PRO A 224 -7.38 -2.30 9.17
CA PRO A 224 -7.97 -2.23 10.51
C PRO A 224 -9.26 -3.01 10.73
N ASN A 225 -10.27 -2.74 9.91
CA ASN A 225 -11.56 -3.41 10.08
C ASN A 225 -11.49 -4.92 9.95
N VAL A 226 -10.70 -5.41 8.99
CA VAL A 226 -10.56 -6.84 8.80
C VAL A 226 -9.81 -7.46 9.99
N MET A 227 -8.80 -6.75 10.49
CA MET A 227 -7.98 -7.26 11.60
C MET A 227 -8.50 -7.08 13.02
N ARG A 228 -9.35 -6.08 13.23
CA ARG A 228 -9.86 -5.79 14.57
C ARG A 228 -10.28 -7.01 15.41
N PRO A 229 -11.07 -7.94 14.84
CA PRO A 229 -11.48 -9.11 15.61
C PRO A 229 -10.30 -9.91 16.17
N TYR A 230 -9.30 -10.11 15.33
CA TYR A 230 -8.12 -10.86 15.72
C TYR A 230 -7.28 -10.12 16.76
N VAL A 231 -7.23 -8.79 16.64
CA VAL A 231 -6.49 -7.98 17.60
C VAL A 231 -7.22 -7.99 18.96
N GLN A 232 -8.54 -7.90 18.92
CA GLN A 232 -9.31 -7.90 20.15
C GLN A 232 -9.16 -9.22 20.90
N ARG A 233 -8.97 -10.30 20.16
CA ARG A 233 -8.80 -11.61 20.81
C ARG A 233 -7.38 -11.88 21.26
N GLY A 234 -6.43 -11.06 20.79
CA GLY A 234 -5.05 -11.23 21.18
C GLY A 234 -4.23 -12.07 20.22
N THR A 235 -4.88 -12.60 19.19
CA THR A 235 -4.23 -13.43 18.19
C THR A 235 -3.19 -12.64 17.41
N VAL A 236 -3.49 -11.38 17.14
CA VAL A 236 -2.58 -10.50 16.44
C VAL A 236 -2.37 -9.30 17.35
N LYS A 237 -1.12 -9.06 17.75
CA LYS A 237 -0.81 -7.95 18.64
C LYS A 237 -0.54 -6.68 17.83
N GLU A 238 0.13 -6.85 16.70
CA GLU A 238 0.47 -5.72 15.83
C GLU A 238 0.49 -6.10 14.37
N PHE A 239 0.22 -5.11 13.53
CA PHE A 239 0.29 -5.30 12.08
C PHE A 239 0.44 -3.89 11.53
N GLY A 240 0.89 -3.78 10.29
CA GLY A 240 1.08 -2.45 9.75
C GLY A 240 0.37 -2.13 8.44
N LEU A 241 0.39 -0.84 8.14
CA LEU A 241 -0.16 -0.28 6.91
C LEU A 241 0.14 1.21 7.01
N TRP A 242 -0.81 2.04 6.61
CA TRP A 242 -0.63 3.49 6.66
C TRP A 242 -1.99 4.16 6.68
N ASP A 243 -2.02 5.47 6.90
CA ASP A 243 -3.27 6.22 6.96
C ASP A 243 -3.69 6.53 5.54
N VAL A 244 -4.57 5.71 4.98
CA VAL A 244 -5.01 5.90 3.61
C VAL A 244 -5.77 7.22 3.39
N VAL A 245 -6.37 7.75 4.44
CA VAL A 245 -7.09 9.02 4.32
C VAL A 245 -6.07 10.12 4.04
N GLN A 246 -4.96 10.10 4.77
CA GLN A 246 -3.90 11.10 4.58
C GLN A 246 -3.27 10.94 3.21
N GLN A 247 -3.21 9.70 2.73
CA GLN A 247 -2.63 9.44 1.43
C GLN A 247 -3.48 10.10 0.34
N GLY A 248 -4.80 9.96 0.47
CA GLY A 248 -5.69 10.57 -0.50
C GLY A 248 -5.57 12.09 -0.46
N LYS A 249 -5.47 12.62 0.76
CA LYS A 249 -5.33 14.05 0.98
C LYS A 249 -4.06 14.59 0.34
N ILE A 250 -2.94 13.92 0.61
CA ILE A 250 -1.65 14.33 0.05
C ILE A 250 -1.65 14.36 -1.48
N SER A 251 -2.26 13.35 -2.09
CA SER A 251 -2.32 13.27 -3.54
C SER A 251 -2.97 14.51 -4.15
N VAL A 252 -4.04 14.99 -3.53
CA VAL A 252 -4.75 16.16 -4.03
C VAL A 252 -3.91 17.43 -3.85
N TYR A 253 -3.13 17.47 -2.77
CA TYR A 253 -2.27 18.64 -2.53
C TYR A 253 -1.13 18.68 -3.53
N VAL A 254 -0.62 17.52 -3.92
CA VAL A 254 0.46 17.47 -4.89
C VAL A 254 -0.10 17.82 -6.27
N ALA A 255 -1.30 17.33 -6.55
CA ALA A 255 -1.94 17.61 -7.84
C ALA A 255 -2.19 19.11 -7.96
N ASN A 256 -2.56 19.73 -6.84
CA ASN A 256 -2.83 21.16 -6.77
C ASN A 256 -1.57 21.96 -7.10
N ALA A 257 -0.42 21.47 -6.65
CA ALA A 257 0.85 22.14 -6.92
C ALA A 257 1.10 22.18 -8.42
N LEU A 258 0.80 21.08 -9.10
CA LEU A 258 0.99 21.01 -10.55
C LEU A 258 0.00 21.94 -11.25
N LEU A 259 -1.24 21.95 -10.78
CA LEU A 259 -2.25 22.81 -11.37
C LEU A 259 -1.91 24.27 -11.13
N LYS A 260 -1.18 24.56 -10.05
CA LYS A 260 -0.78 25.93 -9.74
C LYS A 260 0.57 26.29 -10.34
N ASN A 261 0.99 25.51 -11.34
CA ASN A 261 2.27 25.75 -12.01
C ASN A 261 3.49 25.82 -11.11
N MET A 262 3.47 25.05 -10.02
CA MET A 262 4.62 25.03 -9.12
C MET A 262 5.17 23.61 -9.05
N PRO A 263 5.48 23.01 -10.22
CA PRO A 263 6.01 21.65 -10.24
C PRO A 263 7.21 21.49 -9.32
N MET A 264 7.39 20.27 -8.82
CA MET A 264 8.50 19.99 -7.93
C MET A 264 9.38 18.91 -8.52
N ASN A 265 10.69 19.16 -8.53
CA ASN A 265 11.64 18.19 -9.05
C ASN A 265 12.17 17.41 -7.87
N VAL A 266 12.90 16.34 -8.14
CA VAL A 266 13.48 15.56 -7.06
C VAL A 266 14.22 16.53 -6.14
N GLY A 267 13.93 16.46 -4.85
CA GLY A 267 14.58 17.35 -3.91
C GLY A 267 13.68 18.47 -3.42
N ASP A 268 12.70 18.85 -4.24
CA ASP A 268 11.77 19.91 -3.88
C ASP A 268 10.75 19.43 -2.85
N SER A 269 10.20 20.36 -2.07
CA SER A 269 9.25 20.00 -1.03
C SER A 269 7.99 20.84 -1.03
N LEU A 270 6.97 20.30 -0.37
CA LEU A 270 5.67 20.95 -0.23
C LEU A 270 5.18 20.72 1.20
N ASP A 271 4.67 21.78 1.83
CA ASP A 271 4.16 21.68 3.18
C ASP A 271 2.65 21.58 3.17
N ILE A 272 2.12 20.45 3.65
CA ILE A 272 0.68 20.22 3.68
C ILE A 272 0.12 20.35 5.10
N PRO A 273 -0.94 21.17 5.26
CA PRO A 273 -1.56 21.38 6.59
C PRO A 273 -2.05 20.10 7.26
N GLY A 274 -1.63 19.91 8.51
CA GLY A 274 -2.03 18.74 9.27
C GLY A 274 -1.19 17.51 8.98
N ILE A 275 -0.34 17.62 7.97
CA ILE A 275 0.52 16.50 7.58
C ILE A 275 1.99 16.89 7.73
N GLY A 276 2.30 18.12 7.34
CA GLY A 276 3.67 18.58 7.42
C GLY A 276 4.28 18.69 6.03
N LYS A 277 5.59 18.52 5.96
CA LYS A 277 6.28 18.62 4.68
C LYS A 277 6.51 17.29 3.96
N VAL A 278 6.28 17.29 2.66
CA VAL A 278 6.51 16.12 1.84
C VAL A 278 7.56 16.52 0.81
N THR A 279 8.38 15.56 0.39
CA THR A 279 9.44 15.84 -0.56
C THR A 279 9.42 14.86 -1.73
N VAL A 280 9.91 15.31 -2.88
CA VAL A 280 9.97 14.46 -4.05
C VAL A 280 11.30 13.72 -4.00
N SER A 281 11.22 12.39 -4.10
CA SER A 281 12.41 11.54 -4.07
C SER A 281 12.54 10.79 -5.40
N PRO A 282 13.73 10.25 -5.69
CA PRO A 282 13.96 9.52 -6.95
C PRO A 282 13.21 8.19 -7.14
N ASN A 283 12.78 7.96 -8.37
CA ASN A 283 12.06 6.74 -8.72
C ASN A 283 12.92 5.51 -8.48
N SER A 284 14.23 5.68 -8.59
CA SER A 284 15.16 4.56 -8.40
C SER A 284 15.00 3.84 -7.06
N GLU A 285 14.52 4.55 -6.05
CA GLU A 285 14.32 3.95 -4.73
C GLU A 285 13.25 2.86 -4.77
N GLN A 286 12.39 2.91 -5.78
CA GLN A 286 11.33 1.91 -5.93
C GLN A 286 11.74 0.78 -6.85
N GLY A 287 12.99 0.81 -7.34
CA GLY A 287 13.46 -0.24 -8.22
C GLY A 287 13.41 0.06 -9.70
N TYR A 288 12.91 1.23 -10.07
CA TYR A 288 12.82 1.60 -11.48
C TYR A 288 13.26 3.04 -11.72
N HIS A 289 14.53 3.19 -12.04
CA HIS A 289 15.11 4.50 -12.29
C HIS A 289 14.54 5.19 -13.52
N TYR A 290 14.25 6.47 -13.39
CA TYR A 290 13.72 7.27 -14.48
C TYR A 290 14.01 8.74 -14.18
N GLU A 291 14.84 9.36 -15.00
CA GLU A 291 15.22 10.76 -14.81
C GLU A 291 14.43 11.69 -15.72
N ALA A 292 13.67 12.60 -15.11
CA ALA A 292 12.88 13.57 -15.85
C ALA A 292 12.39 14.68 -14.93
N LYS A 293 12.29 15.89 -15.46
CA LYS A 293 11.83 17.03 -14.68
C LYS A 293 10.37 16.86 -14.28
N GLY A 294 10.03 17.34 -13.08
CA GLY A 294 8.67 17.22 -12.60
C GLY A 294 8.20 15.78 -12.50
N ASN A 295 9.13 14.87 -12.21
CA ASN A 295 8.79 13.46 -12.09
C ASN A 295 9.52 12.81 -10.93
N GLY A 296 8.78 12.14 -10.06
CA GLY A 296 9.39 11.48 -8.93
C GLY A 296 8.38 10.84 -8.01
N ILE A 297 8.81 10.57 -6.79
CA ILE A 297 7.95 9.94 -5.79
C ILE A 297 7.79 10.82 -4.55
N VAL A 298 6.59 10.82 -4.00
CA VAL A 298 6.30 11.58 -2.79
C VAL A 298 5.88 10.59 -1.73
N LEU A 299 6.80 10.32 -0.80
CA LEU A 299 6.55 9.38 0.29
C LEU A 299 5.74 9.95 1.42
N LEU A 300 4.89 9.12 2.04
CA LEU A 300 4.11 9.56 3.18
C LEU A 300 5.13 9.78 4.30
N PRO A 301 4.98 10.86 5.08
CA PRO A 301 5.94 11.10 6.18
C PRO A 301 6.03 9.89 7.09
N GLU A 302 4.90 9.19 7.28
CA GLU A 302 4.93 8.02 8.12
C GLU A 302 3.91 6.97 7.78
N ARG A 303 4.16 5.77 8.28
CA ARG A 303 3.27 4.65 8.08
C ARG A 303 2.65 4.40 9.44
N VAL A 304 1.84 3.36 9.57
CA VAL A 304 1.20 3.10 10.85
C VAL A 304 1.28 1.66 11.33
N ILE A 305 1.62 1.49 12.61
CA ILE A 305 1.66 0.17 13.23
C ILE A 305 0.41 0.17 14.09
N PHE A 306 -0.50 -0.76 13.79
CA PHE A 306 -1.74 -0.85 14.54
C PHE A 306 -1.67 -1.90 15.64
N ASN A 307 -2.21 -1.53 16.80
CA ASN A 307 -2.30 -2.46 17.92
C ASN A 307 -3.63 -2.18 18.62
N LYS A 308 -3.88 -2.85 19.73
CA LYS A 308 -5.13 -2.69 20.45
C LYS A 308 -5.41 -1.25 20.87
N ASP A 309 -4.35 -0.48 21.11
CA ASP A 309 -4.51 0.90 21.56
C ASP A 309 -4.91 1.96 20.55
N ASN A 310 -4.56 1.77 19.28
CA ASN A 310 -4.91 2.77 18.28
C ASN A 310 -5.75 2.26 17.11
N ILE A 311 -6.00 0.96 17.08
CA ILE A 311 -6.76 0.39 15.97
C ILE A 311 -8.17 0.96 15.80
N ASP A 312 -8.81 1.37 16.89
CA ASP A 312 -10.16 1.91 16.80
C ASP A 312 -10.23 3.33 16.20
N LYS A 313 -9.07 3.97 16.04
CA LYS A 313 -9.03 5.32 15.48
C LYS A 313 -9.14 5.30 13.96
N TYR A 314 -9.13 4.10 13.37
CA TYR A 314 -9.21 3.97 11.92
C TYR A 314 -10.43 3.15 11.49
N ASP A 315 -11.09 3.59 10.44
CA ASP A 315 -12.27 2.89 9.97
C ASP A 315 -12.26 2.54 8.48
N PHE A 316 -11.46 1.54 8.15
CA PHE A 316 -11.37 1.05 6.78
C PHE A 316 -10.73 -0.33 6.80
#